data_7B1I
#
_entry.id   7B1I
#
_cell.length_a   29.783
_cell.length_b   53.782
_cell.length_c   98.026
_cell.angle_alpha   90.000
_cell.angle_beta   90.000
_cell.angle_gamma   90.000
#
_symmetry.space_group_name_H-M   'P 21 21 21'
#
loop_
_entity.id
_entity.type
_entity.pdbx_description
1 polymer 'OSIGBa0128P10.9 protein'
2 polymer 'AVR-Pik protein'
3 water water
#
loop_
_entity_poly.entity_id
_entity_poly.type
_entity_poly.pdbx_seq_one_letter_code
_entity_poly.pdbx_strand_id
1 'polypeptide(L)' GPKQKIVIKVSMPCEKSRSKAMKLVVMASGVSSVEVTGDGKDRLQVVGDGVDAACLVTCLRKKIGHAELVQVEEVKEK B
2 'polypeptide(L)'
;GPETGNKYIEKRAIDLSRERDPNFFDNADIPVPECFWFMFKNNVRQDAGTCYSSWKMDKKVGPNWVHIKSDDNCNLSGDF
PPGWIVLGKKRPGF
;
C
#
# COMPACT_ATOMS: atom_id res chain seq x y z
N PRO A 2 -18.46 -2.43 1.01
CA PRO A 2 -17.74 -1.54 0.10
C PRO A 2 -16.33 -1.09 0.61
N LYS A 3 -15.70 -1.86 1.49
CA LYS A 3 -14.49 -1.40 2.17
C LYS A 3 -13.27 -1.19 1.24
N GLN A 4 -12.45 -0.19 1.58
CA GLN A 4 -11.29 0.16 0.78
C GLN A 4 -10.01 0.22 1.62
N LYS A 5 -8.88 -0.21 1.03
CA LYS A 5 -7.55 0.00 1.56
C LYS A 5 -6.91 1.05 0.67
N ILE A 6 -6.52 2.20 1.24
CA ILE A 6 -5.72 3.17 0.46
C ILE A 6 -4.41 3.36 1.18
N VAL A 7 -3.33 3.48 0.42
CA VAL A 7 -2.03 3.77 0.99
C VAL A 7 -1.62 5.16 0.51
N ILE A 8 -1.21 6.00 1.46
CA ILE A 8 -0.69 7.34 1.14
C ILE A 8 0.72 7.47 1.68
N LYS A 9 1.65 7.76 0.79
CA LYS A 9 3.01 8.09 1.21
C LYS A 9 3.07 9.52 1.71
N VAL A 10 3.70 9.70 2.86
CA VAL A 10 3.72 10.97 3.59
C VAL A 10 5.11 11.15 4.17
N SER A 11 5.70 12.30 3.89
CA SER A 11 6.96 12.70 4.51
C SER A 11 6.74 12.87 6.05
N MET A 12 7.17 11.86 6.85
CA MET A 12 6.96 11.81 8.33
C MET A 12 8.26 11.47 9.08
N PRO A 13 9.14 12.46 9.24
CA PRO A 13 10.43 12.17 9.87
C PRO A 13 10.54 12.37 11.41
N CYS A 14 9.49 12.81 12.11
CA CYS A 14 9.43 12.77 13.59
C CYS A 14 8.43 11.69 14.05
N SER A 17 5.17 13.92 14.34
CA SER A 17 4.72 14.24 12.97
C SER A 17 4.06 13.05 12.31
N ARG A 18 4.65 11.86 12.47
CA ARG A 18 3.95 10.64 12.13
C ARG A 18 2.70 10.51 13.00
N SER A 19 2.90 10.74 14.30
CA SER A 19 1.83 10.92 15.25
C SER A 19 0.74 11.84 14.70
N LYS A 20 1.11 13.07 14.36
CA LYS A 20 0.17 14.05 13.83
C LYS A 20 -0.57 13.61 12.55
N ALA A 21 0.16 13.01 11.61
CA ALA A 21 -0.41 12.54 10.37
C ALA A 21 -1.43 11.47 10.67
N MET A 22 -1.05 10.52 11.51
CA MET A 22 -1.96 9.46 11.90
C MET A 22 -3.18 9.98 12.63
N LYS A 23 -3.02 10.97 13.51
CA LYS A 23 -4.15 11.61 14.19
C LYS A 23 -5.15 12.24 13.21
N LEU A 24 -4.62 13.01 12.27
CA LEU A 24 -5.41 13.62 11.20
C LEU A 24 -6.19 12.58 10.37
N VAL A 25 -5.55 11.47 10.00
CA VAL A 25 -6.26 10.49 9.20
C VAL A 25 -7.34 9.72 10.02
N VAL A 26 -6.98 9.26 11.23
CA VAL A 26 -7.87 8.38 12.01
C VAL A 26 -9.14 9.11 12.44
N MET A 27 -9.07 10.43 12.46
CA MET A 27 -10.25 11.28 12.69
C MET A 27 -11.17 11.53 11.49
N ALA A 28 -10.71 11.32 10.27
CA ALA A 28 -11.54 11.56 9.07
C ALA A 28 -12.74 10.64 8.96
N SER A 29 -13.81 11.18 8.39
CA SER A 29 -15.03 10.41 8.06
C SER A 29 -14.72 9.13 7.31
N GLY A 30 -15.35 8.04 7.70
CA GLY A 30 -15.20 6.77 7.03
C GLY A 30 -13.99 5.94 7.41
N VAL A 31 -13.02 6.54 8.11
CA VAL A 31 -11.75 5.83 8.38
C VAL A 31 -11.95 4.92 9.60
N SER A 32 -11.56 3.67 9.42
CA SER A 32 -11.61 2.64 10.48
C SER A 32 -10.26 2.43 11.12
N SER A 33 -9.21 2.56 10.32
CA SER A 33 -7.90 2.32 10.84
C SER A 33 -6.83 2.94 9.97
N VAL A 34 -5.74 3.30 10.63
CA VAL A 34 -4.56 3.78 9.97
C VAL A 34 -3.32 3.22 10.67
N GLU A 35 -2.41 2.64 9.88
CA GLU A 35 -1.14 2.17 10.42
CA GLU A 35 -1.16 2.03 10.35
C GLU A 35 -0.01 2.51 9.48
N VAL A 36 1.20 2.60 10.03
CA VAL A 36 2.36 2.98 9.23
C VAL A 36 2.96 1.70 8.60
N THR A 37 3.12 1.68 7.28
CA THR A 37 3.74 0.57 6.61
C THR A 37 4.88 1.09 5.72
N GLY A 38 5.47 0.19 4.94
CA GLY A 38 6.47 0.51 3.92
C GLY A 38 7.88 0.41 4.37
N ASP A 39 8.76 0.15 3.40
CA ASP A 39 10.15 -0.03 3.73
C ASP A 39 10.73 1.20 4.41
N GLY A 40 10.24 2.38 4.06
CA GLY A 40 10.73 3.59 4.69
C GLY A 40 9.90 4.06 5.88
N LYS A 41 8.92 3.24 6.30
CA LYS A 41 8.00 3.57 7.39
C LYS A 41 7.34 4.93 7.13
N ASP A 42 6.92 5.13 5.88
CA ASP A 42 6.36 6.42 5.48
C ASP A 42 5.12 6.31 4.62
N ARG A 43 4.50 5.13 4.62
CA ARG A 43 3.25 4.91 3.94
C ARG A 43 2.16 4.74 4.98
N LEU A 44 1.14 5.57 4.95
CA LEU A 44 -0.02 5.33 5.79
C LEU A 44 -0.99 4.39 5.12
N GLN A 45 -1.28 3.28 5.78
CA GLN A 45 -2.21 2.26 5.25
C GLN A 45 -3.53 2.56 5.93
N VAL A 46 -4.50 3.03 5.14
CA VAL A 46 -5.75 3.55 5.67
C VAL A 46 -6.87 2.62 5.22
N VAL A 47 -7.69 2.16 6.18
CA VAL A 47 -8.78 1.26 5.88
C VAL A 47 -10.06 1.92 6.30
N GLY A 48 -11.08 1.86 5.44
CA GLY A 48 -12.38 2.41 5.81
C GLY A 48 -13.48 2.25 4.78
N ASP A 49 -14.60 2.85 5.09
CA ASP A 49 -15.73 2.86 4.21
C ASP A 49 -16.03 4.32 3.84
N GLY A 50 -16.06 4.64 2.54
CA GLY A 50 -16.36 6.02 2.08
C GLY A 50 -15.20 7.00 2.27
N VAL A 51 -13.98 6.51 2.35
CA VAL A 51 -12.84 7.37 2.55
C VAL A 51 -12.56 8.22 1.30
N ASP A 52 -12.38 9.52 1.51
CA ASP A 52 -12.05 10.42 0.43
C ASP A 52 -10.53 10.60 0.34
N ALA A 53 -9.88 9.87 -0.57
CA ALA A 53 -8.40 9.96 -0.68
C ALA A 53 -7.88 11.37 -0.95
N ALA A 54 -8.55 12.05 -1.86
CA ALA A 54 -8.18 13.39 -2.28
C ALA A 54 -8.17 14.32 -1.12
N CYS A 55 -9.21 14.19 -0.30
CA CYS A 55 -9.33 15.01 0.88
C CYS A 55 -8.16 14.74 1.83
N LEU A 56 -7.88 13.46 2.04
CA LEU A 56 -6.80 13.09 2.94
C LEU A 56 -5.49 13.62 2.44
N VAL A 57 -5.20 13.36 1.17
CA VAL A 57 -3.95 13.86 0.60
C VAL A 57 -3.83 15.39 0.77
N THR A 58 -4.90 16.10 0.45
CA THR A 58 -4.93 17.55 0.61
C THR A 58 -4.62 18.01 2.03
N CYS A 59 -5.29 17.41 3.02
CA CYS A 59 -5.08 17.80 4.41
C CYS A 59 -3.66 17.49 4.87
N LEU A 60 -3.18 16.29 4.54
CA LEU A 60 -1.80 15.90 4.85
C LEU A 60 -0.78 16.86 4.25
N ARG A 61 -1.01 17.36 3.04
CA ARG A 61 -0.16 18.40 2.44
C ARG A 61 -0.18 19.68 3.22
N LYS A 62 -1.38 20.13 3.58
CA LYS A 62 -1.52 21.34 4.37
C LYS A 62 -0.79 21.27 5.71
N LYS A 63 -0.93 20.13 6.38
CA LYS A 63 -0.60 20.04 7.80
C LYS A 63 0.72 19.34 8.09
N ILE A 64 1.15 18.39 7.25
CA ILE A 64 2.34 17.55 7.57
C ILE A 64 3.50 17.77 6.61
N GLY A 65 3.25 17.70 5.32
CA GLY A 65 4.29 17.91 4.30
C GLY A 65 3.86 17.06 3.13
N HIS A 66 4.74 16.83 2.17
CA HIS A 66 4.34 16.18 0.94
C HIS A 66 3.55 14.90 1.22
N ALA A 67 2.45 14.73 0.49
CA ALA A 67 1.65 13.51 0.55
C ALA A 67 1.28 13.10 -0.86
N GLU A 68 1.18 11.81 -1.10
CA GLU A 68 0.66 11.33 -2.36
C GLU A 68 0.04 9.95 -2.24
N LEU A 69 -1.06 9.77 -2.95
CA LEU A 69 -1.77 8.50 -2.95
C LEU A 69 -0.93 7.50 -3.80
N VAL A 70 -0.62 6.34 -3.26
CA VAL A 70 0.20 5.35 -4.00
C VAL A 70 -0.45 3.98 -4.21
N GLN A 71 -1.53 3.65 -3.52
CA GLN A 71 -2.19 2.35 -3.70
C GLN A 71 -3.69 2.45 -3.34
N VAL A 72 -4.53 1.80 -4.13
CA VAL A 72 -5.95 1.71 -3.90
C VAL A 72 -6.33 0.27 -4.19
N GLU A 73 -6.88 -0.37 -3.17
CA GLU A 73 -7.29 -1.77 -3.26
C GLU A 73 -8.60 -1.92 -2.54
N GLU A 74 -9.59 -2.43 -3.26
CA GLU A 74 -10.84 -2.79 -2.64
C GLU A 74 -10.57 -3.97 -1.69
N VAL A 75 -11.23 -3.98 -0.53
CA VAL A 75 -11.04 -5.10 0.44
C VAL A 75 -11.73 -6.30 -0.12
N LYS A 76 -11.00 -7.40 -0.33
CA LYS A 76 -11.63 -8.63 -0.79
C LYS A 76 -12.31 -9.31 0.42
N GLU A 77 -13.61 -9.56 0.31
CA GLU A 77 -14.43 -10.17 1.41
C GLU A 77 -14.62 -11.66 1.24
N ILE B 14 16.88 -11.04 -9.58
CA ILE B 14 15.78 -11.00 -8.60
C ILE B 14 15.33 -12.39 -8.17
N ASP B 15 15.69 -12.74 -6.93
CA ASP B 15 15.20 -13.91 -6.23
C ASP B 15 14.37 -13.38 -5.08
N LEU B 16 13.05 -13.59 -5.16
CA LEU B 16 12.17 -13.13 -4.10
C LEU B 16 12.35 -13.93 -2.81
N SER B 17 12.97 -15.10 -2.87
CA SER B 17 13.20 -15.87 -1.64
C SER B 17 14.24 -15.15 -0.75
N ARG B 18 15.06 -14.27 -1.33
CA ARG B 18 16.07 -13.48 -0.61
C ARG B 18 15.57 -12.10 -0.16
N GLU B 19 14.34 -11.73 -0.49
CA GLU B 19 13.80 -10.44 -0.10
C GLU B 19 13.23 -10.49 1.32
N ARG B 20 13.61 -9.56 2.17
CA ARG B 20 13.05 -9.51 3.49
C ARG B 20 11.57 -9.18 3.36
N ASP B 21 10.77 -9.66 4.28
CA ASP B 21 9.35 -9.31 4.30
C ASP B 21 9.09 -7.81 4.19
N PRO B 22 8.03 -7.43 3.56
CA PRO B 22 7.57 -6.05 3.70
C PRO B 22 7.29 -5.70 5.16
N ASN B 23 7.28 -4.39 5.42
CA ASN B 23 6.82 -3.83 6.68
CA ASN B 23 6.80 -3.84 6.70
C ASN B 23 5.27 -3.77 6.66
N PHE B 24 4.65 -4.91 6.88
CA PHE B 24 3.20 -5.06 6.78
C PHE B 24 2.47 -4.85 8.09
N PHE B 25 1.18 -4.53 7.98
CA PHE B 25 0.24 -4.53 9.12
CA PHE B 25 0.26 -4.55 9.13
C PHE B 25 -1.05 -5.13 8.64
N ASP B 26 -1.35 -6.33 9.11
CA ASP B 26 -2.58 -6.98 8.75
C ASP B 26 -3.67 -6.50 9.68
N ASN B 27 -4.58 -5.64 9.19
CA ASN B 27 -5.66 -5.16 10.06
C ASN B 27 -6.53 -6.32 10.45
N ALA B 28 -6.86 -6.39 11.73
CA ALA B 28 -7.66 -7.49 12.27
C ALA B 28 -9.12 -7.45 11.86
N ASP B 29 -9.58 -6.29 11.35
CA ASP B 29 -11.02 -6.09 10.99
C ASP B 29 -11.36 -6.58 9.57
N ILE B 30 -10.36 -6.96 8.79
CA ILE B 30 -10.61 -7.40 7.41
C ILE B 30 -9.78 -8.63 7.11
N PRO B 31 -10.12 -9.36 6.03
CA PRO B 31 -9.32 -10.52 5.68
C PRO B 31 -7.86 -10.18 5.46
N VAL B 32 -6.99 -11.08 5.88
CA VAL B 32 -5.54 -10.97 5.68
C VAL B 32 -5.21 -11.13 4.18
N PRO B 33 -4.49 -10.15 3.56
CA PRO B 33 -4.07 -10.36 2.17
C PRO B 33 -3.04 -11.47 2.04
N GLU B 34 -3.13 -12.23 0.96
CA GLU B 34 -2.38 -13.50 0.81
C GLU B 34 -1.03 -13.28 0.13
N CYS B 35 -0.81 -12.09 -0.43
CA CYS B 35 0.37 -11.82 -1.25
C CYS B 35 1.26 -10.74 -0.64
N PHE B 36 2.55 -10.90 -0.89
CA PHE B 36 3.51 -9.87 -0.74
C PHE B 36 3.79 -9.39 -2.17
N TRP B 37 3.92 -8.07 -2.32
CA TRP B 37 4.43 -7.50 -3.55
C TRP B 37 5.74 -6.75 -3.25
N PHE B 38 6.62 -6.73 -4.26
CA PHE B 38 7.92 -6.08 -4.17
C PHE B 38 8.07 -5.28 -5.46
N MET B 39 8.38 -3.99 -5.35
CA MET B 39 8.55 -3.06 -6.51
C MET B 39 10.01 -2.77 -6.69
N PHE B 40 10.47 -2.90 -7.92
CA PHE B 40 11.83 -2.66 -8.30
C PHE B 40 11.92 -1.63 -9.41
N LYS B 41 12.97 -0.82 -9.36
CA LYS B 41 13.37 -0.01 -10.48
C LYS B 41 14.75 -0.46 -10.83
N ASN B 42 14.94 -0.79 -12.12
CA ASN B 42 16.22 -1.33 -12.59
C ASN B 42 16.79 -2.44 -11.65
N ASN B 43 15.91 -3.36 -11.25
CA ASN B 43 16.21 -4.51 -10.40
C ASN B 43 16.66 -4.21 -8.96
N VAL B 44 16.39 -3.01 -8.46
CA VAL B 44 16.73 -2.66 -7.08
C VAL B 44 15.42 -2.38 -6.39
N ARG B 45 15.24 -2.97 -5.22
CA ARG B 45 13.99 -2.88 -4.52
C ARG B 45 13.72 -1.44 -4.08
N GLN B 46 12.53 -0.94 -4.37
CA GLN B 46 12.12 0.38 -3.94
C GLN B 46 11.14 0.37 -2.79
N ASP B 47 10.27 -0.61 -2.79
CA ASP B 47 9.31 -0.77 -1.71
C ASP B 47 8.65 -2.12 -1.77
N ALA B 48 7.74 -2.40 -0.84
CA ALA B 48 7.09 -3.69 -0.78
C ALA B 48 5.87 -3.60 0.10
N GLY B 49 4.93 -4.51 -0.13
CA GLY B 49 3.70 -4.50 0.66
C GLY B 49 2.88 -5.73 0.47
N THR B 50 1.59 -5.61 0.83
CA THR B 50 0.67 -6.69 0.73
C THR B 50 -0.46 -6.40 -0.27
N CYS B 51 -0.97 -7.46 -0.82
CA CYS B 51 -2.21 -7.37 -1.65
C CYS B 51 -2.94 -8.69 -1.67
N TYR B 52 -4.21 -8.67 -2.06
CA TYR B 52 -4.98 -9.92 -2.14
C TYR B 52 -4.64 -10.72 -3.44
N SER B 53 -4.71 -12.04 -3.32
CA SER B 53 -4.67 -12.96 -4.45
C SER B 53 -6.03 -13.00 -5.17
N SER B 54 -5.97 -13.43 -6.42
CA SER B 54 -7.15 -13.55 -7.32
C SER B 54 -7.97 -12.24 -7.28
N TRP B 55 -7.25 -11.15 -7.47
CA TRP B 55 -7.80 -9.82 -7.18
C TRP B 55 -7.09 -8.80 -8.05
N LYS B 56 -7.14 -7.54 -7.62
CA LYS B 56 -6.70 -6.41 -8.40
C LYS B 56 -6.43 -5.25 -7.47
N MET B 57 -5.53 -4.41 -7.87
CA MET B 57 -5.30 -3.13 -7.19
C MET B 57 -4.80 -2.11 -8.17
N ASP B 58 -4.92 -0.85 -7.79
CA ASP B 58 -4.27 0.20 -8.50
C ASP B 58 -3.08 0.69 -7.69
N LYS B 59 -1.95 0.79 -8.36
CA LYS B 59 -0.68 1.11 -7.73
C LYS B 59 0.12 2.16 -8.52
N LYS B 60 0.67 3.17 -7.80
CA LYS B 60 1.56 4.17 -8.38
C LYS B 60 2.89 3.54 -8.53
N VAL B 61 3.40 3.43 -9.74
CA VAL B 61 4.68 2.71 -10.02
C VAL B 61 5.53 3.70 -10.70
N GLY B 62 6.47 4.30 -9.96
CA GLY B 62 7.20 5.44 -10.43
C GLY B 62 6.26 6.54 -10.85
N PRO B 63 6.37 7.01 -12.10
CA PRO B 63 5.49 8.11 -12.53
C PRO B 63 4.05 7.70 -12.93
N ASN B 64 3.76 6.41 -13.05
CA ASN B 64 2.46 5.98 -13.59
C ASN B 64 1.56 5.23 -12.68
N TRP B 65 0.24 5.39 -12.87
CA TRP B 65 -0.67 4.55 -12.18
C TRP B 65 -0.77 3.23 -12.98
N VAL B 66 -0.66 2.12 -12.29
CA VAL B 66 -0.76 0.80 -12.94
C VAL B 66 -1.94 -0.01 -12.33
N HIS B 67 -2.73 -0.67 -13.17
CA HIS B 67 -3.75 -1.58 -12.69
C HIS B 67 -3.15 -2.97 -12.66
N ILE B 68 -2.98 -3.49 -11.44
CA ILE B 68 -2.26 -4.74 -11.23
C ILE B 68 -3.24 -5.85 -10.84
N LYS B 69 -3.28 -6.88 -11.68
CA LYS B 69 -4.08 -8.10 -11.41
C LYS B 69 -3.20 -9.17 -10.75
N SER B 70 -3.75 -9.81 -9.73
CA SER B 70 -3.13 -10.92 -9.01
C SER B 70 -3.84 -12.20 -9.38
N ASP B 71 -3.09 -13.28 -9.56
CA ASP B 71 -3.71 -14.59 -9.77
C ASP B 71 -3.68 -15.36 -8.46
N ASP B 72 -4.02 -16.65 -8.50
CA ASP B 72 -4.22 -17.38 -7.28
C ASP B 72 -2.93 -17.72 -6.61
N ASN B 73 -1.84 -17.57 -7.33
CA ASN B 73 -0.53 -17.73 -6.74
C ASN B 73 0.24 -16.45 -6.56
N CYS B 74 -0.44 -15.31 -6.58
CA CYS B 74 0.15 -14.01 -6.41
C CYS B 74 1.08 -13.58 -7.54
N ASN B 75 0.95 -14.19 -8.71
CA ASN B 75 1.58 -13.66 -9.91
C ASN B 75 0.82 -12.42 -10.30
N LEU B 76 1.58 -11.36 -10.52
CA LEU B 76 1.06 -10.03 -10.79
C LEU B 76 1.25 -9.65 -12.22
N SER B 77 0.25 -9.03 -12.83
CA SER B 77 0.39 -8.55 -14.19
C SER B 77 -0.13 -7.11 -14.28
N GLY B 78 0.47 -6.37 -15.19
CA GLY B 78 0.06 -4.99 -15.45
C GLY B 78 0.96 -4.29 -16.41
N ASP B 79 0.57 -3.08 -16.79
CA ASP B 79 1.33 -2.30 -17.73
C ASP B 79 2.35 -1.41 -17.00
N PHE B 80 3.47 -1.97 -16.64
CA PHE B 80 4.48 -1.23 -15.91
C PHE B 80 5.31 -0.33 -16.79
N PRO B 81 5.70 0.85 -16.26
CA PRO B 81 6.59 1.69 -17.04
C PRO B 81 8.01 1.09 -17.15
N PRO B 82 8.79 1.49 -18.16
CA PRO B 82 10.09 0.87 -18.43
C PRO B 82 11.01 1.10 -17.30
N GLY B 83 11.70 0.05 -16.85
CA GLY B 83 12.59 0.14 -15.72
C GLY B 83 11.98 -0.41 -14.44
N TRP B 84 10.65 -0.43 -14.38
CA TRP B 84 9.92 -0.74 -13.18
C TRP B 84 9.22 -2.09 -13.32
N ILE B 85 9.25 -2.82 -12.23
CA ILE B 85 8.40 -4.01 -12.12
C ILE B 85 7.87 -4.16 -10.73
N VAL B 86 6.75 -4.85 -10.62
CA VAL B 86 6.19 -5.24 -9.34
C VAL B 86 5.99 -6.74 -9.46
N LEU B 87 6.56 -7.48 -8.49
CA LEU B 87 6.54 -8.96 -8.49
C LEU B 87 5.84 -9.41 -7.24
N GLY B 88 5.07 -10.49 -7.33
CA GLY B 88 4.29 -10.98 -6.21
C GLY B 88 4.76 -12.34 -5.77
N LYS B 89 4.47 -12.64 -4.52
CA LYS B 89 4.63 -13.97 -4.01
C LYS B 89 3.64 -14.29 -2.92
N LYS B 90 3.25 -15.57 -2.83
CA LYS B 90 2.24 -15.94 -1.85
C LYS B 90 2.94 -15.90 -0.50
N ARG B 91 2.25 -15.35 0.49
CA ARG B 91 2.78 -15.36 1.83
C ARG B 91 2.85 -16.78 2.44
N PRO B 92 3.79 -17.00 3.38
CA PRO B 92 3.93 -18.31 3.99
C PRO B 92 2.66 -18.78 4.62
N GLY B 93 2.24 -20.00 4.29
CA GLY B 93 1.01 -20.58 4.84
C GLY B 93 -0.28 -20.30 4.06
N PHE B 94 -0.27 -19.40 3.11
CA PHE B 94 -1.47 -19.11 2.25
C PHE B 94 -1.44 -19.89 0.96
#